data_1LVQ
# 
_entry.id   1LVQ 
# 
_audit_conform.dict_name       mmcif_pdbx.dic 
_audit_conform.dict_version    5.391 
_audit_conform.dict_location   http://mmcif.pdb.org/dictionaries/ascii/mmcif_pdbx.dic 
# 
loop_
_database_2.database_id 
_database_2.database_code 
_database_2.pdbx_database_accession 
_database_2.pdbx_DOI 
PDB   1LVQ         pdb_00001lvq 10.2210/pdb1lvq/pdb 
RCSB  RCSB016321   ?            ?                   
WWPDB D_1000016321 ?            ?                   
# 
loop_
_pdbx_audit_revision_history.ordinal 
_pdbx_audit_revision_history.data_content_type 
_pdbx_audit_revision_history.major_revision 
_pdbx_audit_revision_history.minor_revision 
_pdbx_audit_revision_history.revision_date 
1 'Structure model' 1 0 2002-12-11 
2 'Structure model' 1 1 2008-04-28 
3 'Structure model' 1 2 2011-07-13 
4 'Structure model' 1 3 2012-07-25 
5 'Structure model' 1 4 2024-05-01 
# 
_pdbx_audit_revision_details.ordinal             1 
_pdbx_audit_revision_details.revision_ordinal    1 
_pdbx_audit_revision_details.data_content_type   'Structure model' 
_pdbx_audit_revision_details.provider            repository 
_pdbx_audit_revision_details.type                'Initial release' 
_pdbx_audit_revision_details.description         ? 
_pdbx_audit_revision_details.details             ? 
# 
loop_
_pdbx_audit_revision_group.ordinal 
_pdbx_audit_revision_group.revision_ordinal 
_pdbx_audit_revision_group.data_content_type 
_pdbx_audit_revision_group.group 
1 2 'Structure model' 'Version format compliance' 
2 3 'Structure model' 'Version format compliance' 
3 4 'Structure model' Other                       
4 5 'Structure model' 'Data collection'           
5 5 'Structure model' 'Database references'       
# 
loop_
_pdbx_audit_revision_category.ordinal 
_pdbx_audit_revision_category.revision_ordinal 
_pdbx_audit_revision_category.data_content_type 
_pdbx_audit_revision_category.category 
1 5 'Structure model' chem_comp_atom        
2 5 'Structure model' chem_comp_bond        
3 5 'Structure model' database_2            
4 5 'Structure model' pdbx_nmr_software     
5 5 'Structure model' pdbx_nmr_spectrometer 
# 
loop_
_pdbx_audit_revision_item.ordinal 
_pdbx_audit_revision_item.revision_ordinal 
_pdbx_audit_revision_item.data_content_type 
_pdbx_audit_revision_item.item 
1 5 'Structure model' '_database_2.pdbx_DOI'                
2 5 'Structure model' '_database_2.pdbx_database_accession' 
3 5 'Structure model' '_pdbx_nmr_software.name'             
4 5 'Structure model' '_pdbx_nmr_spectrometer.model'        
# 
_pdbx_database_status.status_code                     REL 
_pdbx_database_status.entry_id                        1LVQ 
_pdbx_database_status.recvd_initial_deposition_date   2002-05-29 
_pdbx_database_status.deposit_site                    RCSB 
_pdbx_database_status.process_site                    RCSB 
_pdbx_database_status.SG_entry                        . 
_pdbx_database_status.status_code_sf                  ? 
_pdbx_database_status.status_code_mr                  ? 
_pdbx_database_status.status_code_cs                  ? 
_pdbx_database_status.methods_development_category    ? 
_pdbx_database_status.pdb_format_compatible           Y 
_pdbx_database_status.status_code_nmr_data            ? 
# 
_pdbx_database_related.db_name        PDB 
_pdbx_database_related.db_id          1LVR 
_pdbx_database_related.details        'IC3 of CB1 (L431A,A432L) Bound to G(alpha)i' 
_pdbx_database_related.content_type   unspecified 
# 
loop_
_audit_author.name 
_audit_author.pdbx_ordinal 
'Ulfers, A.L.'  1 
'McMurry, J.L.' 2 
'Miller, A.'    3 
'Wang, L.'      4 
'Kendall, D.A.' 5 
'Mierke, D.F.'  6 
# 
_citation.id                        primary 
_citation.title                     
'Cannabinoid receptor-G protein interactions: G(alphai1)-bound structures of IC3 and a mutant with altered G protein specificity.' 
_citation.journal_abbrev            'Protein Sci.' 
_citation.journal_volume            11 
_citation.page_first                2526 
_citation.page_last                 2531 
_citation.year                      2002 
_citation.journal_id_ASTM           PRCIEI 
_citation.country                   US 
_citation.journal_id_ISSN           0961-8368 
_citation.journal_id_CSD            0795 
_citation.book_publisher            ? 
_citation.pdbx_database_id_PubMed   12237474 
_citation.pdbx_database_id_DOI      10.1110/ps.0218402 
# 
loop_
_citation_author.citation_id 
_citation_author.name 
_citation_author.ordinal 
_citation_author.identifier_ORCID 
primary 'Ulfers, A.L.'  1 ? 
primary 'McMurry, J.L.' 2 ? 
primary 'Miller, A.'    3 ? 
primary 'Wang, L.'      4 ? 
primary 'Kendall, D.A.' 5 ? 
primary 'Mierke, D.F.'  6 ? 
# 
_entity.id                         1 
_entity.type                       polymer 
_entity.src_method                 syn 
_entity.pdbx_description           'Cannabinoid receptor 1' 
_entity.formula_weight             1030.262 
_entity.pdbx_number_of_molecules   1 
_entity.pdbx_ec                    ? 
_entity.pdbx_mutation              ? 
_entity.pdbx_fragment              'IC3 of CB1 (residues 338-346)' 
_entity.details                    ? 
# 
_entity_name_com.entity_id   1 
_entity_name_com.name        'CB1, CB-R, CANN6' 
# 
_entity_poly.entity_id                      1 
_entity_poly.type                           'polypeptide(L)' 
_entity_poly.nstd_linkage                   no 
_entity_poly.nstd_monomer                   no 
_entity_poly.pdbx_seq_one_letter_code       DIRLAKTLV 
_entity_poly.pdbx_seq_one_letter_code_can   DIRLAKTLV 
_entity_poly.pdbx_strand_id                 A 
_entity_poly.pdbx_target_identifier         ? 
# 
loop_
_entity_poly_seq.entity_id 
_entity_poly_seq.num 
_entity_poly_seq.mon_id 
_entity_poly_seq.hetero 
1 1 ASP n 
1 2 ILE n 
1 3 ARG n 
1 4 LEU n 
1 5 ALA n 
1 6 LYS n 
1 7 THR n 
1 8 LEU n 
1 9 VAL n 
# 
_pdbx_entity_src_syn.entity_id              1 
_pdbx_entity_src_syn.pdbx_src_id            1 
_pdbx_entity_src_syn.pdbx_alt_source_flag   sample 
_pdbx_entity_src_syn.pdbx_beg_seq_num       ? 
_pdbx_entity_src_syn.pdbx_end_seq_num       ? 
_pdbx_entity_src_syn.organism_scientific    ? 
_pdbx_entity_src_syn.organism_common_name   ? 
_pdbx_entity_src_syn.ncbi_taxonomy_id       ? 
_pdbx_entity_src_syn.details                
'The protein was synthesized using solid phase synthesis. The sequence of the protein is naturally found in Homo sapiens.' 
# 
loop_
_chem_comp.id 
_chem_comp.type 
_chem_comp.mon_nstd_flag 
_chem_comp.name 
_chem_comp.pdbx_synonyms 
_chem_comp.formula 
_chem_comp.formula_weight 
ALA 'L-peptide linking' y ALANINE         ? 'C3 H7 N O2'     89.093  
ARG 'L-peptide linking' y ARGININE        ? 'C6 H15 N4 O2 1' 175.209 
ASP 'L-peptide linking' y 'ASPARTIC ACID' ? 'C4 H7 N O4'     133.103 
ILE 'L-peptide linking' y ISOLEUCINE      ? 'C6 H13 N O2'    131.173 
LEU 'L-peptide linking' y LEUCINE         ? 'C6 H13 N O2'    131.173 
LYS 'L-peptide linking' y LYSINE          ? 'C6 H15 N2 O2 1' 147.195 
THR 'L-peptide linking' y THREONINE       ? 'C4 H9 N O3'     119.119 
VAL 'L-peptide linking' y VALINE          ? 'C5 H11 N O2'    117.146 
# 
loop_
_pdbx_poly_seq_scheme.asym_id 
_pdbx_poly_seq_scheme.entity_id 
_pdbx_poly_seq_scheme.seq_id 
_pdbx_poly_seq_scheme.mon_id 
_pdbx_poly_seq_scheme.ndb_seq_num 
_pdbx_poly_seq_scheme.pdb_seq_num 
_pdbx_poly_seq_scheme.auth_seq_num 
_pdbx_poly_seq_scheme.pdb_mon_id 
_pdbx_poly_seq_scheme.auth_mon_id 
_pdbx_poly_seq_scheme.pdb_strand_id 
_pdbx_poly_seq_scheme.pdb_ins_code 
_pdbx_poly_seq_scheme.hetero 
A 1 1 ASP 1 1 1 ASP ASP A . n 
A 1 2 ILE 2 2 2 ILE ILE A . n 
A 1 3 ARG 3 3 3 ARG ARG A . n 
A 1 4 LEU 4 4 4 LEU LEU A . n 
A 1 5 ALA 5 5 5 ALA ALA A . n 
A 1 6 LYS 6 6 6 LYS LYS A . n 
A 1 7 THR 7 7 7 THR THR A . n 
A 1 8 LEU 8 8 8 LEU LEU A . n 
A 1 9 VAL 9 9 9 VAL VAL A . n 
# 
_exptl.entry_id          1LVQ 
_exptl.method            'SOLUTION NMR' 
_exptl.crystals_number   ? 
# 
_exptl_crystal.id                    1 
_exptl_crystal.density_meas          ? 
_exptl_crystal.density_Matthews      ? 
_exptl_crystal.density_percent_sol   ? 
_exptl_crystal.description           ? 
# 
_diffrn.id                     1 
_diffrn.crystal_id             1 
_diffrn.ambient_temp           ? 
_diffrn.ambient_temp_details   ? 
# 
_diffrn_radiation.diffrn_id                        1 
_diffrn_radiation.wavelength_id                    1 
_diffrn_radiation.pdbx_monochromatic_or_laue_m_l   M 
_diffrn_radiation.monochromator                    ? 
_diffrn_radiation.pdbx_diffrn_protocol             'SINGLE WAVELENGTH' 
_diffrn_radiation.pdbx_scattering_type             x-ray 
# 
_diffrn_radiation_wavelength.id           1 
_diffrn_radiation_wavelength.wavelength   . 
_diffrn_radiation_wavelength.wt           1.0 
# 
_struct.entry_id                  1LVQ 
_struct.title                     'IC3 of CB1 Bound to G(alpha)i' 
_struct.pdbx_model_details        ? 
_struct.pdbx_CASP_flag            ? 
_struct.pdbx_model_type_details   ? 
# 
_struct_keywords.entry_id        1LVQ 
_struct_keywords.pdbx_keywords   'SIGNALING PROTEIN' 
_struct_keywords.text            
'transferred NOEs, alpha domain of G protein i, cannabinoid 1 receptor (CB1), helix while bound, SIGNALING PROTEIN' 
# 
_struct_asym.id                            A 
_struct_asym.pdbx_blank_PDB_chainid_flag   N 
_struct_asym.pdbx_modified                 N 
_struct_asym.entity_id                     1 
_struct_asym.details                       ? 
# 
_struct_ref.id                         1 
_struct_ref.db_name                    UNP 
_struct_ref.db_code                    CNR1_HUMAN 
_struct_ref.entity_id                  1 
_struct_ref.pdbx_seq_one_letter_code   DIRLAKTLV 
_struct_ref.pdbx_align_begin           338 
_struct_ref.pdbx_db_accession          P21554 
_struct_ref.pdbx_db_isoform            ? 
# 
_struct_ref_seq.align_id                      1 
_struct_ref_seq.ref_id                        1 
_struct_ref_seq.pdbx_PDB_id_code              1LVQ 
_struct_ref_seq.pdbx_strand_id                A 
_struct_ref_seq.seq_align_beg                 1 
_struct_ref_seq.pdbx_seq_align_beg_ins_code   ? 
_struct_ref_seq.seq_align_end                 9 
_struct_ref_seq.pdbx_seq_align_end_ins_code   ? 
_struct_ref_seq.pdbx_db_accession             P21554 
_struct_ref_seq.db_align_beg                  338 
_struct_ref_seq.pdbx_db_align_beg_ins_code    ? 
_struct_ref_seq.db_align_end                  346 
_struct_ref_seq.pdbx_db_align_end_ins_code    ? 
_struct_ref_seq.pdbx_auth_seq_align_beg       1 
_struct_ref_seq.pdbx_auth_seq_align_end       9 
# 
_pdbx_struct_assembly.id                   1 
_pdbx_struct_assembly.details              author_defined_assembly 
_pdbx_struct_assembly.method_details       ? 
_pdbx_struct_assembly.oligomeric_details   monomeric 
_pdbx_struct_assembly.oligomeric_count     1 
# 
_pdbx_struct_assembly_gen.assembly_id       1 
_pdbx_struct_assembly_gen.oper_expression   1 
_pdbx_struct_assembly_gen.asym_id_list      A 
# 
_pdbx_struct_oper_list.id                   1 
_pdbx_struct_oper_list.type                 'identity operation' 
_pdbx_struct_oper_list.name                 1_555 
_pdbx_struct_oper_list.symmetry_operation   x,y,z 
_pdbx_struct_oper_list.matrix[1][1]         1.0000000000 
_pdbx_struct_oper_list.matrix[1][2]         0.0000000000 
_pdbx_struct_oper_list.matrix[1][3]         0.0000000000 
_pdbx_struct_oper_list.vector[1]            0.0000000000 
_pdbx_struct_oper_list.matrix[2][1]         0.0000000000 
_pdbx_struct_oper_list.matrix[2][2]         1.0000000000 
_pdbx_struct_oper_list.matrix[2][3]         0.0000000000 
_pdbx_struct_oper_list.vector[2]            0.0000000000 
_pdbx_struct_oper_list.matrix[3][1]         0.0000000000 
_pdbx_struct_oper_list.matrix[3][2]         0.0000000000 
_pdbx_struct_oper_list.matrix[3][3]         1.0000000000 
_pdbx_struct_oper_list.vector[3]            0.0000000000 
# 
_struct_biol.id        1 
_struct_biol.details   ? 
# 
loop_
_pdbx_validate_rmsd_angle.id 
_pdbx_validate_rmsd_angle.PDB_model_num 
_pdbx_validate_rmsd_angle.auth_atom_id_1 
_pdbx_validate_rmsd_angle.auth_asym_id_1 
_pdbx_validate_rmsd_angle.auth_comp_id_1 
_pdbx_validate_rmsd_angle.auth_seq_id_1 
_pdbx_validate_rmsd_angle.PDB_ins_code_1 
_pdbx_validate_rmsd_angle.label_alt_id_1 
_pdbx_validate_rmsd_angle.auth_atom_id_2 
_pdbx_validate_rmsd_angle.auth_asym_id_2 
_pdbx_validate_rmsd_angle.auth_comp_id_2 
_pdbx_validate_rmsd_angle.auth_seq_id_2 
_pdbx_validate_rmsd_angle.PDB_ins_code_2 
_pdbx_validate_rmsd_angle.label_alt_id_2 
_pdbx_validate_rmsd_angle.auth_atom_id_3 
_pdbx_validate_rmsd_angle.auth_asym_id_3 
_pdbx_validate_rmsd_angle.auth_comp_id_3 
_pdbx_validate_rmsd_angle.auth_seq_id_3 
_pdbx_validate_rmsd_angle.PDB_ins_code_3 
_pdbx_validate_rmsd_angle.label_alt_id_3 
_pdbx_validate_rmsd_angle.angle_value 
_pdbx_validate_rmsd_angle.angle_target_value 
_pdbx_validate_rmsd_angle.angle_deviation 
_pdbx_validate_rmsd_angle.angle_standard_deviation 
_pdbx_validate_rmsd_angle.linker_flag 
1 1 CB A ILE 2 ? ? CA A ILE 2 ? ? C   A ILE 2 ? ? 94.95  111.60 -16.65 2.00 N 
2 1 N  A ILE 2 ? ? CA A ILE 2 ? ? CB  A ILE 2 ? ? 139.41 110.80 28.61  2.30 N 
3 1 NE A ARG 3 ? ? CZ A ARG 3 ? ? NH1 A ARG 3 ? ? 124.24 120.30 3.94   0.50 N 
4 1 N  A LEU 4 ? ? CA A LEU 4 ? ? CB  A LEU 4 ? ? 97.82  110.40 -12.58 2.00 N 
5 1 CB A LEU 8 ? ? CA A LEU 8 ? ? C   A LEU 8 ? ? 123.73 110.20 13.53  1.90 N 
# 
loop_
_pdbx_validate_torsion.id 
_pdbx_validate_torsion.PDB_model_num 
_pdbx_validate_torsion.auth_comp_id 
_pdbx_validate_torsion.auth_asym_id 
_pdbx_validate_torsion.auth_seq_id 
_pdbx_validate_torsion.PDB_ins_code 
_pdbx_validate_torsion.label_alt_id 
_pdbx_validate_torsion.phi 
_pdbx_validate_torsion.psi 
1 1 LYS A 6 ? ? -37.30 -32.45 
2 1 LEU A 8 ? ? -59.70 -7.94  
# 
loop_
_pdbx_validate_peptide_omega.id 
_pdbx_validate_peptide_omega.PDB_model_num 
_pdbx_validate_peptide_omega.auth_comp_id_1 
_pdbx_validate_peptide_omega.auth_asym_id_1 
_pdbx_validate_peptide_omega.auth_seq_id_1 
_pdbx_validate_peptide_omega.PDB_ins_code_1 
_pdbx_validate_peptide_omega.label_alt_id_1 
_pdbx_validate_peptide_omega.auth_comp_id_2 
_pdbx_validate_peptide_omega.auth_asym_id_2 
_pdbx_validate_peptide_omega.auth_seq_id_2 
_pdbx_validate_peptide_omega.PDB_ins_code_2 
_pdbx_validate_peptide_omega.label_alt_id_2 
_pdbx_validate_peptide_omega.omega 
1 1 ILE A 2 ? ? ARG A 3 ? ? -135.37 
2 1 ALA A 5 ? ? LYS A 6 ? ? 146.09  
# 
_pdbx_validate_main_chain_plane.id                       1 
_pdbx_validate_main_chain_plane.PDB_model_num            1 
_pdbx_validate_main_chain_plane.auth_comp_id             ILE 
_pdbx_validate_main_chain_plane.auth_asym_id             A 
_pdbx_validate_main_chain_plane.auth_seq_id              2 
_pdbx_validate_main_chain_plane.PDB_ins_code             ? 
_pdbx_validate_main_chain_plane.label_alt_id             ? 
_pdbx_validate_main_chain_plane.improper_torsion_angle   11.64 
# 
_pdbx_nmr_ensemble.entry_id                                      1LVQ 
_pdbx_nmr_ensemble.conformers_calculated_total_number            20 
_pdbx_nmr_ensemble.conformers_submitted_total_number             1 
_pdbx_nmr_ensemble.conformer_selection_criteria                  'back calculated data agree with experimental NOESY spectrum' 
_pdbx_nmr_ensemble.average_constraints_per_residue               ? 
_pdbx_nmr_ensemble.average_constraint_violations_per_residue     ? 
_pdbx_nmr_ensemble.maximum_distance_constraint_violation         ? 
_pdbx_nmr_ensemble.average_distance_constraint_violation         ? 
_pdbx_nmr_ensemble.maximum_upper_distance_constraint_violation   ? 
_pdbx_nmr_ensemble.maximum_lower_distance_constraint_violation   ? 
_pdbx_nmr_ensemble.distance_constraint_violation_method          ? 
_pdbx_nmr_ensemble.maximum_torsion_angle_constraint_violation    ? 
_pdbx_nmr_ensemble.average_torsion_angle_constraint_violation    ? 
_pdbx_nmr_ensemble.torsion_angle_constraint_violation_method     ? 
# 
_pdbx_nmr_sample_details.solution_id      1 
_pdbx_nmr_sample_details.contents         
;LAKT peptide at 4.0 mM, 
G(alpha)i at 200 uM.
;
_pdbx_nmr_sample_details.solvent_system   
;10 mM acetate buffer, pH 6.0, 
1 mM DTT, TSP
;
# 
_pdbx_nmr_exptl_sample_conditions.conditions_id       1 
_pdbx_nmr_exptl_sample_conditions.temperature         303 
_pdbx_nmr_exptl_sample_conditions.pressure            1 
_pdbx_nmr_exptl_sample_conditions.pH                  6.0 
_pdbx_nmr_exptl_sample_conditions.ionic_strength      '10 mM acetate' 
_pdbx_nmr_exptl_sample_conditions.pressure_units      atm 
_pdbx_nmr_exptl_sample_conditions.temperature_units   K 
# 
loop_
_pdbx_nmr_exptl.experiment_id 
_pdbx_nmr_exptl.solution_id 
_pdbx_nmr_exptl.conditions_id 
_pdbx_nmr_exptl.type 
1 1 1 '2D NOESY' 
2 1 1 '2D TOCSY' 
# 
_pdbx_nmr_refine.entry_id           1LVQ 
_pdbx_nmr_refine.method             
;metric matrix distance geometry calculations for generation of initial ensemble. Low penalty structures used for ensemble-based IRMA refinement.
;
_pdbx_nmr_refine.details            ? 
_pdbx_nmr_refine.software_ordinal   1 
# 
loop_
_pdbx_nmr_software.name 
_pdbx_nmr_software.version 
_pdbx_nmr_software.classification 
_pdbx_nmr_software.authors 
_pdbx_nmr_software.ordinal 
DGII  Homewritten refinement                    Havel   1 
Felix 'MSI 95'    'data analysis'               Hare    2 
IRMA  2           'iterative matrix relaxation' Boelens 3 
# 
loop_
_chem_comp_atom.comp_id 
_chem_comp_atom.atom_id 
_chem_comp_atom.type_symbol 
_chem_comp_atom.pdbx_aromatic_flag 
_chem_comp_atom.pdbx_stereo_config 
_chem_comp_atom.pdbx_ordinal 
ALA N    N N N 1   
ALA CA   C N S 2   
ALA C    C N N 3   
ALA O    O N N 4   
ALA CB   C N N 5   
ALA OXT  O N N 6   
ALA H    H N N 7   
ALA H2   H N N 8   
ALA HA   H N N 9   
ALA HB1  H N N 10  
ALA HB2  H N N 11  
ALA HB3  H N N 12  
ALA HXT  H N N 13  
ARG N    N N N 14  
ARG CA   C N S 15  
ARG C    C N N 16  
ARG O    O N N 17  
ARG CB   C N N 18  
ARG CG   C N N 19  
ARG CD   C N N 20  
ARG NE   N N N 21  
ARG CZ   C N N 22  
ARG NH1  N N N 23  
ARG NH2  N N N 24  
ARG OXT  O N N 25  
ARG H    H N N 26  
ARG H2   H N N 27  
ARG HA   H N N 28  
ARG HB2  H N N 29  
ARG HB3  H N N 30  
ARG HG2  H N N 31  
ARG HG3  H N N 32  
ARG HD2  H N N 33  
ARG HD3  H N N 34  
ARG HE   H N N 35  
ARG HH11 H N N 36  
ARG HH12 H N N 37  
ARG HH21 H N N 38  
ARG HH22 H N N 39  
ARG HXT  H N N 40  
ASP N    N N N 41  
ASP CA   C N S 42  
ASP C    C N N 43  
ASP O    O N N 44  
ASP CB   C N N 45  
ASP CG   C N N 46  
ASP OD1  O N N 47  
ASP OD2  O N N 48  
ASP OXT  O N N 49  
ASP H    H N N 50  
ASP H2   H N N 51  
ASP HA   H N N 52  
ASP HB2  H N N 53  
ASP HB3  H N N 54  
ASP HD2  H N N 55  
ASP HXT  H N N 56  
ILE N    N N N 57  
ILE CA   C N S 58  
ILE C    C N N 59  
ILE O    O N N 60  
ILE CB   C N S 61  
ILE CG1  C N N 62  
ILE CG2  C N N 63  
ILE CD1  C N N 64  
ILE OXT  O N N 65  
ILE H    H N N 66  
ILE H2   H N N 67  
ILE HA   H N N 68  
ILE HB   H N N 69  
ILE HG12 H N N 70  
ILE HG13 H N N 71  
ILE HG21 H N N 72  
ILE HG22 H N N 73  
ILE HG23 H N N 74  
ILE HD11 H N N 75  
ILE HD12 H N N 76  
ILE HD13 H N N 77  
ILE HXT  H N N 78  
LEU N    N N N 79  
LEU CA   C N S 80  
LEU C    C N N 81  
LEU O    O N N 82  
LEU CB   C N N 83  
LEU CG   C N N 84  
LEU CD1  C N N 85  
LEU CD2  C N N 86  
LEU OXT  O N N 87  
LEU H    H N N 88  
LEU H2   H N N 89  
LEU HA   H N N 90  
LEU HB2  H N N 91  
LEU HB3  H N N 92  
LEU HG   H N N 93  
LEU HD11 H N N 94  
LEU HD12 H N N 95  
LEU HD13 H N N 96  
LEU HD21 H N N 97  
LEU HD22 H N N 98  
LEU HD23 H N N 99  
LEU HXT  H N N 100 
LYS N    N N N 101 
LYS CA   C N S 102 
LYS C    C N N 103 
LYS O    O N N 104 
LYS CB   C N N 105 
LYS CG   C N N 106 
LYS CD   C N N 107 
LYS CE   C N N 108 
LYS NZ   N N N 109 
LYS OXT  O N N 110 
LYS H    H N N 111 
LYS H2   H N N 112 
LYS HA   H N N 113 
LYS HB2  H N N 114 
LYS HB3  H N N 115 
LYS HG2  H N N 116 
LYS HG3  H N N 117 
LYS HD2  H N N 118 
LYS HD3  H N N 119 
LYS HE2  H N N 120 
LYS HE3  H N N 121 
LYS HZ1  H N N 122 
LYS HZ2  H N N 123 
LYS HZ3  H N N 124 
LYS HXT  H N N 125 
THR N    N N N 126 
THR CA   C N S 127 
THR C    C N N 128 
THR O    O N N 129 
THR CB   C N R 130 
THR OG1  O N N 131 
THR CG2  C N N 132 
THR OXT  O N N 133 
THR H    H N N 134 
THR H2   H N N 135 
THR HA   H N N 136 
THR HB   H N N 137 
THR HG1  H N N 138 
THR HG21 H N N 139 
THR HG22 H N N 140 
THR HG23 H N N 141 
THR HXT  H N N 142 
VAL N    N N N 143 
VAL CA   C N S 144 
VAL C    C N N 145 
VAL O    O N N 146 
VAL CB   C N N 147 
VAL CG1  C N N 148 
VAL CG2  C N N 149 
VAL OXT  O N N 150 
VAL H    H N N 151 
VAL H2   H N N 152 
VAL HA   H N N 153 
VAL HB   H N N 154 
VAL HG11 H N N 155 
VAL HG12 H N N 156 
VAL HG13 H N N 157 
VAL HG21 H N N 158 
VAL HG22 H N N 159 
VAL HG23 H N N 160 
VAL HXT  H N N 161 
# 
loop_
_chem_comp_bond.comp_id 
_chem_comp_bond.atom_id_1 
_chem_comp_bond.atom_id_2 
_chem_comp_bond.value_order 
_chem_comp_bond.pdbx_aromatic_flag 
_chem_comp_bond.pdbx_stereo_config 
_chem_comp_bond.pdbx_ordinal 
ALA N   CA   sing N N 1   
ALA N   H    sing N N 2   
ALA N   H2   sing N N 3   
ALA CA  C    sing N N 4   
ALA CA  CB   sing N N 5   
ALA CA  HA   sing N N 6   
ALA C   O    doub N N 7   
ALA C   OXT  sing N N 8   
ALA CB  HB1  sing N N 9   
ALA CB  HB2  sing N N 10  
ALA CB  HB3  sing N N 11  
ALA OXT HXT  sing N N 12  
ARG N   CA   sing N N 13  
ARG N   H    sing N N 14  
ARG N   H2   sing N N 15  
ARG CA  C    sing N N 16  
ARG CA  CB   sing N N 17  
ARG CA  HA   sing N N 18  
ARG C   O    doub N N 19  
ARG C   OXT  sing N N 20  
ARG CB  CG   sing N N 21  
ARG CB  HB2  sing N N 22  
ARG CB  HB3  sing N N 23  
ARG CG  CD   sing N N 24  
ARG CG  HG2  sing N N 25  
ARG CG  HG3  sing N N 26  
ARG CD  NE   sing N N 27  
ARG CD  HD2  sing N N 28  
ARG CD  HD3  sing N N 29  
ARG NE  CZ   sing N N 30  
ARG NE  HE   sing N N 31  
ARG CZ  NH1  sing N N 32  
ARG CZ  NH2  doub N N 33  
ARG NH1 HH11 sing N N 34  
ARG NH1 HH12 sing N N 35  
ARG NH2 HH21 sing N N 36  
ARG NH2 HH22 sing N N 37  
ARG OXT HXT  sing N N 38  
ASP N   CA   sing N N 39  
ASP N   H    sing N N 40  
ASP N   H2   sing N N 41  
ASP CA  C    sing N N 42  
ASP CA  CB   sing N N 43  
ASP CA  HA   sing N N 44  
ASP C   O    doub N N 45  
ASP C   OXT  sing N N 46  
ASP CB  CG   sing N N 47  
ASP CB  HB2  sing N N 48  
ASP CB  HB3  sing N N 49  
ASP CG  OD1  doub N N 50  
ASP CG  OD2  sing N N 51  
ASP OD2 HD2  sing N N 52  
ASP OXT HXT  sing N N 53  
ILE N   CA   sing N N 54  
ILE N   H    sing N N 55  
ILE N   H2   sing N N 56  
ILE CA  C    sing N N 57  
ILE CA  CB   sing N N 58  
ILE CA  HA   sing N N 59  
ILE C   O    doub N N 60  
ILE C   OXT  sing N N 61  
ILE CB  CG1  sing N N 62  
ILE CB  CG2  sing N N 63  
ILE CB  HB   sing N N 64  
ILE CG1 CD1  sing N N 65  
ILE CG1 HG12 sing N N 66  
ILE CG1 HG13 sing N N 67  
ILE CG2 HG21 sing N N 68  
ILE CG2 HG22 sing N N 69  
ILE CG2 HG23 sing N N 70  
ILE CD1 HD11 sing N N 71  
ILE CD1 HD12 sing N N 72  
ILE CD1 HD13 sing N N 73  
ILE OXT HXT  sing N N 74  
LEU N   CA   sing N N 75  
LEU N   H    sing N N 76  
LEU N   H2   sing N N 77  
LEU CA  C    sing N N 78  
LEU CA  CB   sing N N 79  
LEU CA  HA   sing N N 80  
LEU C   O    doub N N 81  
LEU C   OXT  sing N N 82  
LEU CB  CG   sing N N 83  
LEU CB  HB2  sing N N 84  
LEU CB  HB3  sing N N 85  
LEU CG  CD1  sing N N 86  
LEU CG  CD2  sing N N 87  
LEU CG  HG   sing N N 88  
LEU CD1 HD11 sing N N 89  
LEU CD1 HD12 sing N N 90  
LEU CD1 HD13 sing N N 91  
LEU CD2 HD21 sing N N 92  
LEU CD2 HD22 sing N N 93  
LEU CD2 HD23 sing N N 94  
LEU OXT HXT  sing N N 95  
LYS N   CA   sing N N 96  
LYS N   H    sing N N 97  
LYS N   H2   sing N N 98  
LYS CA  C    sing N N 99  
LYS CA  CB   sing N N 100 
LYS CA  HA   sing N N 101 
LYS C   O    doub N N 102 
LYS C   OXT  sing N N 103 
LYS CB  CG   sing N N 104 
LYS CB  HB2  sing N N 105 
LYS CB  HB3  sing N N 106 
LYS CG  CD   sing N N 107 
LYS CG  HG2  sing N N 108 
LYS CG  HG3  sing N N 109 
LYS CD  CE   sing N N 110 
LYS CD  HD2  sing N N 111 
LYS CD  HD3  sing N N 112 
LYS CE  NZ   sing N N 113 
LYS CE  HE2  sing N N 114 
LYS CE  HE3  sing N N 115 
LYS NZ  HZ1  sing N N 116 
LYS NZ  HZ2  sing N N 117 
LYS NZ  HZ3  sing N N 118 
LYS OXT HXT  sing N N 119 
THR N   CA   sing N N 120 
THR N   H    sing N N 121 
THR N   H2   sing N N 122 
THR CA  C    sing N N 123 
THR CA  CB   sing N N 124 
THR CA  HA   sing N N 125 
THR C   O    doub N N 126 
THR C   OXT  sing N N 127 
THR CB  OG1  sing N N 128 
THR CB  CG2  sing N N 129 
THR CB  HB   sing N N 130 
THR OG1 HG1  sing N N 131 
THR CG2 HG21 sing N N 132 
THR CG2 HG22 sing N N 133 
THR CG2 HG23 sing N N 134 
THR OXT HXT  sing N N 135 
VAL N   CA   sing N N 136 
VAL N   H    sing N N 137 
VAL N   H2   sing N N 138 
VAL CA  C    sing N N 139 
VAL CA  CB   sing N N 140 
VAL CA  HA   sing N N 141 
VAL C   O    doub N N 142 
VAL C   OXT  sing N N 143 
VAL CB  CG1  sing N N 144 
VAL CB  CG2  sing N N 145 
VAL CB  HB   sing N N 146 
VAL CG1 HG11 sing N N 147 
VAL CG1 HG12 sing N N 148 
VAL CG1 HG13 sing N N 149 
VAL CG2 HG21 sing N N 150 
VAL CG2 HG22 sing N N 151 
VAL CG2 HG23 sing N N 152 
VAL OXT HXT  sing N N 153 
# 
_pdbx_nmr_spectrometer.spectrometer_id   1 
_pdbx_nmr_spectrometer.type              ? 
_pdbx_nmr_spectrometer.manufacturer      Bruker 
_pdbx_nmr_spectrometer.model             AVANCE 
_pdbx_nmr_spectrometer.field_strength    600 
# 
_atom_sites.entry_id                    1LVQ 
_atom_sites.fract_transf_matrix[1][1]   1.000000 
_atom_sites.fract_transf_matrix[1][2]   0.000000 
_atom_sites.fract_transf_matrix[1][3]   0.000000 
_atom_sites.fract_transf_matrix[2][1]   0.000000 
_atom_sites.fract_transf_matrix[2][2]   1.000000 
_atom_sites.fract_transf_matrix[2][3]   0.000000 
_atom_sites.fract_transf_matrix[3][1]   0.000000 
_atom_sites.fract_transf_matrix[3][2]   0.000000 
_atom_sites.fract_transf_matrix[3][3]   1.000000 
_atom_sites.fract_transf_vector[1]      0.00000 
_atom_sites.fract_transf_vector[2]      0.00000 
_atom_sites.fract_transf_vector[3]      0.00000 
# 
loop_
_atom_type.symbol 
C 
H 
N 
O 
# 
loop_
_atom_site.group_PDB 
_atom_site.id 
_atom_site.type_symbol 
_atom_site.label_atom_id 
_atom_site.label_alt_id 
_atom_site.label_comp_id 
_atom_site.label_asym_id 
_atom_site.label_entity_id 
_atom_site.label_seq_id 
_atom_site.pdbx_PDB_ins_code 
_atom_site.Cartn_x 
_atom_site.Cartn_y 
_atom_site.Cartn_z 
_atom_site.occupancy 
_atom_site.B_iso_or_equiv 
_atom_site.pdbx_formal_charge 
_atom_site.auth_seq_id 
_atom_site.auth_comp_id 
_atom_site.auth_asym_id 
_atom_site.auth_atom_id 
_atom_site.pdbx_PDB_model_num 
ATOM 1   N N    . ASP A 1 1 ? -4.158 4.540  -4.896 1.00 0.00 ? 1 ASP A N    1 
ATOM 2   C CA   . ASP A 1 1 ? -3.044 3.758  -4.340 1.00 0.00 ? 1 ASP A CA   1 
ATOM 3   C C    . ASP A 1 1 ? -3.219 3.456  -2.811 1.00 0.00 ? 1 ASP A C    1 
ATOM 4   O O    . ASP A 1 1 ? -2.222 3.736  -2.145 1.00 0.00 ? 1 ASP A O    1 
ATOM 5   C CB   . ASP A 1 1 ? -1.705 4.534  -4.665 1.00 0.00 ? 1 ASP A CB   1 
ATOM 6   C CG   . ASP A 1 1 ? -0.450 3.660  -4.861 1.00 0.00 ? 1 ASP A CG   1 
ATOM 7   O OD1  . ASP A 1 1 ? -0.370 2.941  -5.881 1.00 0.00 ? 1 ASP A OD1  1 
ATOM 8   O OD2  . ASP A 1 1 ? 0.473  3.708  -4.015 1.00 0.00 ? 1 ASP A OD2  1 
ATOM 9   H H1   . ASP A 1 1 ? -5.029 4.001  -4.917 1.00 0.00 ? 1 ASP A H1   1 
ATOM 10  H H2   . ASP A 1 1 ? -3.945 4.813  -5.863 1.00 0.00 ? 1 ASP A H2   1 
ATOM 11  H H3   . ASP A 1 1 ? -4.316 5.403  -4.366 1.00 0.00 ? 1 ASP A H3   1 
ATOM 12  H HA   . ASP A 1 1 ? -3.018 2.794  -4.884 1.00 0.00 ? 1 ASP A HA   1 
ATOM 13  H HB2  . ASP A 1 1 ? -1.783 5.186  -5.555 1.00 0.00 ? 1 ASP A HB2  1 
ATOM 14  H HB3  . ASP A 1 1 ? -1.485 5.259  -3.854 1.00 0.00 ? 1 ASP A HB3  1 
ATOM 15  N N    . ILE A 1 2 ? -4.273 2.801  -2.161 1.00 0.00 ? 2 ILE A N    1 
ATOM 16  C CA   . ILE A 1 2 ? -3.931 2.084  -0.845 1.00 0.00 ? 2 ILE A CA   1 
ATOM 17  C C    . ILE A 1 2 ? -2.962 0.951  -1.175 1.00 0.00 ? 2 ILE A C    1 
ATOM 18  O O    . ILE A 1 2 ? -2.096 0.687  -0.388 1.00 0.00 ? 2 ILE A O    1 
ATOM 19  C CB   . ILE A 1 2 ? -4.686 1.278  0.361  1.00 0.00 ? 2 ILE A CB   1 
ATOM 20  C CG1  . ILE A 1 2 ? -6.221 1.168  0.349  1.00 0.00 ? 2 ILE A CG1  1 
ATOM 21  C CG2  . ILE A 1 2 ? -3.992 1.547  1.742  1.00 0.00 ? 2 ILE A CG2  1 
ATOM 22  C CD1  . ILE A 1 2 ? -7.052 2.443  0.239  1.00 0.00 ? 2 ILE A CD1  1 
ATOM 23  H H    . ILE A 1 2 ? -5.216 3.150  -2.414 1.00 0.00 ? 2 ILE A H    1 
ATOM 24  H HA   . ILE A 1 2 ? -3.423 2.959  -0.384 1.00 0.00 ? 2 ILE A HA   1 
ATOM 25  H HB   . ILE A 1 2 ? -4.421 0.148  0.385  1.00 0.00 ? 2 ILE A HB   1 
ATOM 26  H HG12 . ILE A 1 2 ? -6.493 0.501  -0.491 1.00 0.00 ? 2 ILE A HG12 1 
ATOM 27  H HG13 . ILE A 1 2 ? -6.540 0.615  1.251  1.00 0.00 ? 2 ILE A HG13 1 
ATOM 28  H HG21 . ILE A 1 2 ? -2.930 1.145  1.739  1.00 0.00 ? 2 ILE A HG21 1 
ATOM 29  H HG22 . ILE A 1 2 ? -4.487 1.011  2.574  1.00 0.00 ? 2 ILE A HG22 1 
ATOM 30  H HG23 . ILE A 1 2 ? -3.958 2.619  2.017  1.00 0.00 ? 2 ILE A HG23 1 
ATOM 31  H HD11 . ILE A 1 2 ? -6.687 3.107  -0.563 1.00 0.00 ? 2 ILE A HD11 1 
ATOM 32  H HD12 . ILE A 1 2 ? -7.065 3.012  1.186  1.00 0.00 ? 2 ILE A HD12 1 
ATOM 33  H HD13 . ILE A 1 2 ? -8.100 2.185  -0.005 1.00 0.00 ? 2 ILE A HD13 1 
ATOM 34  N N    . ARG A 1 3 ? -3.275 0.030  -2.044 1.00 0.00 ? 3 ARG A N    1 
ATOM 35  C CA   . ARG A 1 3 ? -3.002 -1.407 -1.740 1.00 0.00 ? 3 ARG A CA   1 
ATOM 36  C C    . ARG A 1 3 ? -1.612 -1.992 -1.794 1.00 0.00 ? 3 ARG A C    1 
ATOM 37  O O    . ARG A 1 3 ? -1.136 -2.648 -0.868 1.00 0.00 ? 3 ARG A O    1 
ATOM 38  C CB   . ARG A 1 3 ? -3.977 -2.422 -2.333 1.00 0.00 ? 3 ARG A CB   1 
ATOM 39  C CG   . ARG A 1 3 ? -5.085 -2.070 -3.300 1.00 0.00 ? 3 ARG A CG   1 
ATOM 40  C CD   . ARG A 1 3 ? -4.711 -1.823 -4.773 1.00 0.00 ? 3 ARG A CD   1 
ATOM 41  N NE   . ARG A 1 3 ? -3.930 -2.901 -5.444 1.00 0.00 ? 3 ARG A NE   1 
ATOM 42  C CZ   . ARG A 1 3 ? -4.350 -4.172 -5.635 1.00 0.00 ? 3 ARG A CZ   1 
ATOM 43  N NH1  . ARG A 1 3 ? -5.539 -4.634 -5.253 1.00 0.00 ? 3 ARG A NH1  1 
ATOM 44  N NH2  . ARG A 1 3 ? -3.525 -5.015 -6.226 1.00 0.00 ? 3 ARG A NH2  1 
ATOM 45  H H    . ARG A 1 3 ? -2.941 0.581  -2.802 1.00 0.00 ? 3 ARG A H    1 
ATOM 46  H HA   . ARG A 1 3 ? -3.141 -1.379 -0.641 1.00 0.00 ? 3 ARG A HA   1 
ATOM 47  H HB2  . ARG A 1 3 ? -3.588 -3.452 -2.473 1.00 0.00 ? 3 ARG A HB2  1 
ATOM 48  H HB3  . ARG A 1 3 ? -4.568 -2.444 -1.466 1.00 0.00 ? 3 ARG A HB3  1 
ATOM 49  H HG2  . ARG A 1 3 ? -5.871 -2.844 -3.236 1.00 0.00 ? 3 ARG A HG2  1 
ATOM 50  H HG3  . ARG A 1 3 ? -5.510 -1.188 -2.803 1.00 0.00 ? 3 ARG A HG3  1 
ATOM 51  H HD2  . ARG A 1 3 ? -5.634 -1.620 -5.349 1.00 0.00 ? 3 ARG A HD2  1 
ATOM 52  H HD3  . ARG A 1 3 ? -4.131 -0.886 -4.824 1.00 0.00 ? 3 ARG A HD3  1 
ATOM 53  H HE   . ARG A 1 3 ? -2.991 -2.716 -5.810 1.00 0.00 ? 3 ARG A HE   1 
ATOM 54  H HH11 . ARG A 1 3 ? -6.153 -3.968 -4.769 1.00 0.00 ? 3 ARG A HH11 1 
ATOM 55  H HH12 . ARG A 1 3 ? -5.726 -5.628 -5.425 1.00 0.00 ? 3 ARG A HH12 1 
ATOM 56  H HH21 . ARG A 1 3 ? -2.612 -4.644 -6.510 1.00 0.00 ? 3 ARG A HH21 1 
ATOM 57  H HH22 . ARG A 1 3 ? -3.860 -5.978 -6.338 1.00 0.00 ? 3 ARG A HH22 1 
ATOM 58  N N    . LEU A 1 4 ? -0.974 -1.720 -2.900 1.00 0.00 ? 4 LEU A N    1 
ATOM 59  C CA   . LEU A 1 4 ? 0.479  -1.701 -2.968 1.00 0.00 ? 4 LEU A CA   1 
ATOM 60  C C    . LEU A 1 4 ? 1.097  -0.551 -2.037 1.00 0.00 ? 4 LEU A C    1 
ATOM 61  O O    . LEU A 1 4 ? 2.264  -0.700 -1.659 1.00 0.00 ? 4 LEU A O    1 
ATOM 62  C CB   . LEU A 1 4 ? 0.624  -1.627 -4.593 1.00 0.00 ? 4 LEU A CB   1 
ATOM 63  C CG   . LEU A 1 4 ? 2.017  -1.957 -5.171 1.00 0.00 ? 4 LEU A CG   1 
ATOM 64  C CD1  . LEU A 1 4 ? 2.865  -0.689 -4.862 1.00 0.00 ? 4 LEU A CD1  1 
ATOM 65  C CD2  . LEU A 1 4 ? 2.625  -3.258 -4.603 1.00 0.00 ? 4 LEU A CD2  1 
ATOM 66  H H    . LEU A 1 4 ? -1.515 -2.082 -3.677 1.00 0.00 ? 4 LEU A H    1 
ATOM 67  H HA   . LEU A 1 4 ? 0.802  -2.696 -2.440 1.00 0.00 ? 4 LEU A HA   1 
ATOM 68  H HB2  . LEU A 1 4 ? -0.015 -2.422 -5.037 1.00 0.00 ? 4 LEU A HB2  1 
ATOM 69  H HB3  . LEU A 1 4 ? 0.261  -0.677 -5.184 1.00 0.00 ? 4 LEU A HB3  1 
ATOM 70  H HG   . LEU A 1 4 ? 1.900  -2.184 -6.284 1.00 0.00 ? 4 LEU A HG   1 
ATOM 71  H HD11 . LEU A 1 4 ? 2.603  -0.210 -3.862 1.00 0.00 ? 4 LEU A HD11 1 
ATOM 72  H HD12 . LEU A 1 4 ? 2.679  0.088  -5.627 1.00 0.00 ? 4 LEU A HD12 1 
ATOM 73  H HD13 . LEU A 1 4 ? 3.951  -0.892 -4.870 1.00 0.00 ? 4 LEU A HD13 1 
ATOM 74  H HD21 . LEU A 1 4 ? 1.925  -4.109 -4.710 1.00 0.00 ? 4 LEU A HD21 1 
ATOM 75  H HD22 . LEU A 1 4 ? 2.878  -3.180 -3.532 1.00 0.00 ? 4 LEU A HD22 1 
ATOM 76  H HD23 . LEU A 1 4 ? 3.550  -3.541 -5.137 1.00 0.00 ? 4 LEU A HD23 1 
ATOM 77  N N    . ALA A 1 5 ? 0.398  0.535  -1.593 1.00 0.00 ? 5 ALA A N    1 
ATOM 78  C CA   . ALA A 1 5 ? 0.958  1.483  -0.568 1.00 0.00 ? 5 ALA A CA   1 
ATOM 79  C C    . ALA A 1 5 ? 0.891  0.886  0.875  1.00 0.00 ? 5 ALA A C    1 
ATOM 80  O O    . ALA A 1 5 ? 1.859  1.039  1.583  1.00 0.00 ? 5 ALA A O    1 
ATOM 81  C CB   . ALA A 1 5 ? 0.058  2.757  -0.571 1.00 0.00 ? 5 ALA A CB   1 
ATOM 82  H H    . ALA A 1 5 ? -0.645 0.379  -1.547 1.00 0.00 ? 5 ALA A H    1 
ATOM 83  H HA   . ALA A 1 5 ? 2.074  1.706  -0.788 1.00 0.00 ? 5 ALA A HA   1 
ATOM 84  H HB1  . ALA A 1 5 ? -1.065 2.536  -0.503 1.00 0.00 ? 5 ALA A HB1  1 
ATOM 85  H HB2  . ALA A 1 5 ? 0.212  3.355  -1.484 1.00 0.00 ? 5 ALA A HB2  1 
ATOM 86  H HB3  . ALA A 1 5 ? 0.309  3.435  0.269  1.00 0.00 ? 5 ALA A HB3  1 
ATOM 87  N N    . LYS A 1 6 ? -0.247 0.303  1.310  1.00 0.00 ? 6 LYS A N    1 
ATOM 88  C CA   . LYS A 1 6 ? -0.407 -0.869 2.243  1.00 0.00 ? 6 LYS A CA   1 
ATOM 89  C C    . LYS A 1 6 ? 0.590  -2.041 2.166  1.00 0.00 ? 6 LYS A C    1 
ATOM 90  O O    . LYS A 1 6 ? 0.878  -2.655 3.203  1.00 0.00 ? 6 LYS A O    1 
ATOM 91  C CB   . LYS A 1 6 ? -1.790 -1.636 2.131  1.00 0.00 ? 6 LYS A CB   1 
ATOM 92  C CG   . LYS A 1 6 ? -2.324 -2.245 3.458  1.00 0.00 ? 6 LYS A CG   1 
ATOM 93  C CD   . LYS A 1 6 ? -3.467 -3.268 3.265  1.00 0.00 ? 6 LYS A CD   1 
ATOM 94  C CE   . LYS A 1 6 ? -4.678 -2.771 2.450  1.00 0.00 ? 6 LYS A CE   1 
ATOM 95  N NZ   . LYS A 1 6 ? -5.672 -3.846 2.276  1.00 0.00 ? 6 LYS A NZ   1 
ATOM 96  H H    . LYS A 1 6 ? -1.015 0.906  0.978  1.00 0.00 ? 6 LYS A H    1 
ATOM 97  H HA   . LYS A 1 6 ? -0.287 -0.368 3.218  1.00 0.00 ? 6 LYS A HA   1 
ATOM 98  H HB2  . LYS A 1 6 ? -2.565 -0.972 1.714  1.00 0.00 ? 6 LYS A HB2  1 
ATOM 99  H HB3  . LYS A 1 6 ? -1.762 -2.516 1.411  1.00 0.00 ? 6 LYS A HB3  1 
ATOM 100 H HG2  . LYS A 1 6 ? -1.506 -2.795 3.956  1.00 0.00 ? 6 LYS A HG2  1 
ATOM 101 H HG3  . LYS A 1 6 ? -2.603 -1.470 4.199  1.00 0.00 ? 6 LYS A HG3  1 
ATOM 102 H HD2  . LYS A 1 6 ? -3.047 -4.171 2.780  1.00 0.00 ? 6 LYS A HD2  1 
ATOM 103 H HD3  . LYS A 1 6 ? -3.802 -3.609 4.263  1.00 0.00 ? 6 LYS A HD3  1 
ATOM 104 H HE2  . LYS A 1 6 ? -5.151 -1.903 2.944  1.00 0.00 ? 6 LYS A HE2  1 
ATOM 105 H HE3  . LYS A 1 6 ? -4.352 -2.421 1.451  1.00 0.00 ? 6 LYS A HE3  1 
ATOM 106 H HZ1  . LYS A 1 6 ? -6.025 -4.182 3.179  1.00 0.00 ? 6 LYS A HZ1  1 
ATOM 107 H HZ2  . LYS A 1 6 ? -5.269 -4.654 1.790  1.00 0.00 ? 6 LYS A HZ2  1 
ATOM 108 H HZ3  . LYS A 1 6 ? -6.480 -3.532 1.727  1.00 0.00 ? 6 LYS A HZ3  1 
ATOM 109 N N    . THR A 1 7 ? 1.113  -2.345 0.968  1.00 0.00 ? 7 THR A N    1 
ATOM 110 C CA   . THR A 1 7 ? 2.347  -3.269 0.918  1.00 0.00 ? 7 THR A CA   1 
ATOM 111 C C    . THR A 1 7 ? 3.520  -2.481 1.609  1.00 0.00 ? 7 THR A C    1 
ATOM 112 O O    . THR A 1 7 ? 4.031  -2.993 2.608  1.00 0.00 ? 7 THR A O    1 
ATOM 113 C CB   . THR A 1 7 ? 2.678  -3.794 -0.518 1.00 0.00 ? 7 THR A CB   1 
ATOM 114 O OG1  . THR A 1 7 ? 1.723  -4.786 -0.886 1.00 0.00 ? 7 THR A OG1  1 
ATOM 115 C CG2  . THR A 1 7 ? 4.090  -4.426 -0.648 1.00 0.00 ? 7 THR A CG2  1 
ATOM 116 H H    . THR A 1 7 ? 0.766  -1.532 0.328  1.00 0.00 ? 7 THR A H    1 
ATOM 117 H HA   . THR A 1 7 ? 2.271  -4.253 1.561  1.00 0.00 ? 7 THR A HA   1 
ATOM 118 H HB   . THR A 1 7 ? 2.598  -2.990 -1.277 1.00 0.00 ? 7 THR A HB   1 
ATOM 119 H HG1  . THR A 1 7 ? 0.889  -4.328 -1.009 1.00 0.00 ? 7 THR A HG1  1 
ATOM 120 H HG21 . THR A 1 7 ? 4.697  -4.302 0.276  1.00 0.00 ? 7 THR A HG21 1 
ATOM 121 H HG22 . THR A 1 7 ? 4.657  -3.952 -1.471 1.00 0.00 ? 7 THR A HG22 1 
ATOM 122 H HG23 . THR A 1 7 ? 4.061  -5.511 -0.853 1.00 0.00 ? 7 THR A HG23 1 
ATOM 123 N N    . LEU A 1 8 ? 3.860  -1.232 1.200  1.00 0.00 ? 8 LEU A N    1 
ATOM 124 C CA   . LEU A 1 8 ? 4.600  -0.299 2.103  1.00 0.00 ? 8 LEU A CA   1 
ATOM 125 C C    . LEU A 1 8 ? 3.887  0.071  3.472  1.00 0.00 ? 8 LEU A C    1 
ATOM 126 O O    . LEU A 1 8 ? 4.606  0.682  4.273  1.00 0.00 ? 8 LEU A O    1 
ATOM 127 C CB   . LEU A 1 8 ? 5.161  0.787  1.071  1.00 0.00 ? 8 LEU A CB   1 
ATOM 128 C CG   . LEU A 1 8 ? 4.701  2.274  0.980  1.00 0.00 ? 8 LEU A CG   1 
ATOM 129 C CD1  . LEU A 1 8 ? 4.515  2.995  2.312  1.00 0.00 ? 8 LEU A CD1  1 
ATOM 130 C CD2  . LEU A 1 8 ? 5.658  3.083  0.082  1.00 0.00 ? 8 LEU A CD2  1 
ATOM 131 H H    . LEU A 1 8 ? 3.541  -0.873 0.265  1.00 0.00 ? 8 LEU A H    1 
ATOM 132 H HA   . LEU A 1 8 ? 5.504  -0.790 2.595  1.00 0.00 ? 8 LEU A HA   1 
ATOM 133 H HB2  . LEU A 1 8 ? 6.257  0.775  1.204  1.00 0.00 ? 8 LEU A HB2  1 
ATOM 134 H HB3  . LEU A 1 8 ? 5.045  0.474  -0.012 1.00 0.00 ? 8 LEU A HB3  1 
ATOM 135 H HG   . LEU A 1 8 ? 3.720  2.298  0.479  1.00 0.00 ? 8 LEU A HG   1 
ATOM 136 H HD11 . LEU A 1 8 ? 3.713  2.469  2.848  1.00 0.00 ? 8 LEU A HD11 1 
ATOM 137 H HD12 . LEU A 1 8 ? 4.193  4.046  2.190  1.00 0.00 ? 8 LEU A HD12 1 
ATOM 138 H HD13 . LEU A 1 8 ? 5.426  2.977  2.939  1.00 0.00 ? 8 LEU A HD13 1 
ATOM 139 H HD21 . LEU A 1 8 ? 5.751  2.636  -0.926 1.00 0.00 ? 8 LEU A HD21 1 
ATOM 140 H HD22 . LEU A 1 8 ? 6.678  3.137  0.511  1.00 0.00 ? 8 LEU A HD22 1 
ATOM 141 H HD23 . LEU A 1 8 ? 5.308  4.123  -0.064 1.00 0.00 ? 8 LEU A HD23 1 
ATOM 142 N N    . VAL A 1 9 ? 2.591  -0.263 3.834  1.00 0.00 ? 9 VAL A N    1 
ATOM 143 C CA   . VAL A 1 9 ? 2.001  0.220  5.199  1.00 0.00 ? 9 VAL A CA   1 
ATOM 144 C C    . VAL A 1 9 ? 1.889  1.778  5.187  1.00 0.00 ? 9 VAL A C    1 
ATOM 145 O O    . VAL A 1 9 ? 1.056  2.307  4.413  1.00 0.00 ? 9 VAL A O    1 
ATOM 146 C CB   . VAL A 1 9 ? 2.763  -0.308 6.576  1.00 0.00 ? 9 VAL A CB   1 
ATOM 147 C CG1  . VAL A 1 9 ? 1.630  -0.745 7.523  1.00 0.00 ? 9 VAL A CG1  1 
ATOM 148 C CG2  . VAL A 1 9 ? 3.621  -1.579 6.335  1.00 0.00 ? 9 VAL A CG2  1 
ATOM 149 O OXT  . VAL A 1 9 ? 2.724  2.472  5.810  1.00 0.00 ? 9 VAL A OXT  1 
ATOM 150 H H    . VAL A 1 9 ? 2.066  -0.784 3.023  1.00 0.00 ? 9 VAL A H    1 
ATOM 151 H HA   . VAL A 1 9 ? 0.851  -0.019 5.223  1.00 0.00 ? 9 VAL A HA   1 
ATOM 152 H HB   . VAL A 1 9 ? 3.485  0.365  7.249  1.00 0.00 ? 9 VAL A HB   1 
ATOM 153 H HG11 . VAL A 1 9 ? 0.955  -1.448 6.992  1.00 0.00 ? 9 VAL A HG11 1 
ATOM 154 H HG12 . VAL A 1 9 ? 1.023  0.114  7.860  1.00 0.00 ? 9 VAL A HG12 1 
ATOM 155 H HG13 . VAL A 1 9 ? 2.006  -1.251 8.433  1.00 0.00 ? 9 VAL A HG13 1 
ATOM 156 H HG21 . VAL A 1 9 ? 3.080  -2.342 5.742  1.00 0.00 ? 9 VAL A HG21 1 
ATOM 157 H HG22 . VAL A 1 9 ? 3.947  -2.058 7.276  1.00 0.00 ? 9 VAL A HG22 1 
ATOM 158 H HG23 . VAL A 1 9 ? 4.546  -1.342 5.784  1.00 0.00 ? 9 VAL A HG23 1 
# 
